data_9FP8
#
_entry.id   9FP8
#
_cell.length_a   56.014
_cell.length_b   62.423
_cell.length_c   87.272
_cell.angle_alpha   90.000
_cell.angle_beta   90.000
_cell.angle_gamma   90.000
#
_symmetry.space_group_name_H-M   'P 2 21 21'
#
loop_
_entity.id
_entity.type
_entity.pdbx_description
1 polymer AGAP012056-PA
2 non-polymer 'SULFATE ION'
3 non-polymer GLYCEROL
4 water water
#
_entity_poly.entity_id   1
_entity_poly.type   'polypeptide(L)'
_entity_poly.pdbx_seq_one_letter_code
;MASGVTVSDVCKTTYEEIKKDKKHRYVIFYIRDEKQIDVEVIGDRNAEYDSFLEDIQKGGPGECRYGLFDFEYMHQCQGT
SESSKKQKLFLMSWCPDTAKVKKKMLYSSSFDALKKSLVGVQKYIQATDLSEASREAVEEKLRATDRQ
;
_entity_poly.pdbx_strand_id   A,B
#
loop_
_chem_comp.id
_chem_comp.type
_chem_comp.name
_chem_comp.formula
GOL non-polymer GLYCEROL 'C3 H8 O3'
SO4 non-polymer 'SULFATE ION' 'O4 S -2'
#
# COMPACT_ATOMS: atom_id res chain seq x y z
N GLY A 4 26.84 -14.91 -12.36
CA GLY A 4 26.27 -15.01 -11.03
C GLY A 4 24.84 -15.52 -11.01
N VAL A 5 23.88 -14.58 -10.92
CA VAL A 5 22.48 -14.93 -10.76
C VAL A 5 21.86 -15.09 -12.14
N THR A 6 21.03 -16.14 -12.31
CA THR A 6 20.33 -16.31 -13.59
C THR A 6 19.00 -15.54 -13.59
N VAL A 7 18.29 -15.58 -14.73
CA VAL A 7 17.00 -14.95 -14.93
C VAL A 7 16.04 -15.99 -15.48
N SER A 8 14.90 -16.18 -14.82
CA SER A 8 13.90 -17.12 -15.27
C SER A 8 13.21 -16.63 -16.53
N ASP A 9 12.86 -17.58 -17.40
CA ASP A 9 12.21 -17.16 -18.64
C ASP A 9 10.90 -16.40 -18.40
N VAL A 10 10.27 -16.60 -17.23
CA VAL A 10 8.98 -15.97 -16.92
C VAL A 10 9.11 -14.45 -16.77
N CYS A 11 10.31 -13.94 -16.48
CA CYS A 11 10.51 -12.51 -16.43
C CYS A 11 10.32 -11.92 -17.83
N LYS A 12 10.84 -12.61 -18.85
CA LYS A 12 10.74 -12.10 -20.23
C LYS A 12 9.33 -12.18 -20.75
N THR A 13 8.67 -13.34 -20.57
CA THR A 13 7.32 -13.45 -21.11
C THR A 13 6.37 -12.42 -20.48
N THR A 14 6.45 -12.24 -19.14
CA THR A 14 5.60 -11.26 -18.48
C THR A 14 5.88 -9.87 -19.02
N TYR A 15 7.15 -9.51 -19.17
CA TYR A 15 7.55 -8.24 -19.76
C TYR A 15 6.99 -8.06 -21.16
N GLU A 16 7.10 -9.09 -22.00
CA GLU A 16 6.61 -8.97 -23.38
C GLU A 16 5.10 -8.81 -23.44
N GLU A 17 4.37 -9.42 -22.48
CA GLU A 17 2.91 -9.28 -22.46
C GLU A 17 2.47 -7.84 -22.21
N ILE A 18 3.33 -7.05 -21.57
CA ILE A 18 3.07 -5.63 -21.41
C ILE A 18 3.47 -4.88 -22.68
N LYS A 19 4.75 -5.00 -23.07
CA LYS A 19 5.24 -4.20 -24.19
C LYS A 19 4.39 -4.40 -25.43
N LYS A 20 4.15 -5.66 -25.78
CA LYS A 20 3.49 -6.01 -27.02
C LYS A 20 1.97 -6.09 -26.89
N ASP A 21 1.46 -6.64 -25.79
CA ASP A 21 0.04 -6.90 -25.68
C ASP A 21 -0.67 -6.01 -24.66
N LYS A 22 0.05 -5.19 -23.91
CA LYS A 22 -0.57 -4.27 -22.95
C LYS A 22 -1.47 -5.01 -21.95
N LYS A 23 -1.03 -6.20 -21.51
CA LYS A 23 -1.87 -7.01 -20.65
C LYS A 23 -1.74 -6.63 -19.18
N HIS A 24 -0.65 -5.99 -18.80
CA HIS A 24 -0.43 -5.66 -17.41
C HIS A 24 0.14 -4.26 -17.35
N ARG A 25 0.08 -3.66 -16.16
CA ARG A 25 0.62 -2.32 -15.89
C ARG A 25 2.02 -2.37 -15.28
N TYR A 26 2.35 -3.35 -14.40
CA TYR A 26 3.71 -3.34 -13.89
C TYR A 26 4.07 -4.75 -13.43
N VAL A 27 5.34 -4.95 -13.16
CA VAL A 27 5.83 -6.20 -12.54
C VAL A 27 6.89 -5.88 -11.48
N ILE A 28 6.87 -6.66 -10.36
CA ILE A 28 7.89 -6.56 -9.33
C ILE A 28 8.65 -7.87 -9.37
N PHE A 29 9.97 -7.81 -9.41
CA PHE A 29 10.84 -8.99 -9.47
C PHE A 29 11.64 -9.09 -8.18
N TYR A 30 12.19 -10.30 -7.89
CA TYR A 30 13.01 -10.50 -6.71
C TYR A 30 14.02 -11.59 -7.06
N ILE A 31 15.11 -11.64 -6.30
CA ILE A 31 16.08 -12.73 -6.35
C ILE A 31 15.67 -13.79 -5.34
N ARG A 32 15.33 -14.98 -5.87
CA ARG A 32 14.89 -16.12 -5.07
C ARG A 32 16.10 -16.96 -4.65
N ASP A 33 16.34 -17.03 -3.34
CA ASP A 33 17.36 -17.88 -2.73
C ASP A 33 18.74 -17.59 -3.25
N GLU A 34 18.98 -16.31 -3.57
CA GLU A 34 20.27 -15.80 -4.05
C GLU A 34 20.75 -16.46 -5.34
N LYS A 35 19.85 -17.07 -6.09
N LYS A 35 19.84 -17.09 -6.08
CA LYS A 35 20.22 -17.84 -7.28
CA LYS A 35 20.21 -17.82 -7.27
C LYS A 35 19.58 -17.37 -8.58
C LYS A 35 19.61 -17.32 -8.56
N GLN A 36 18.36 -16.83 -8.56
CA GLN A 36 17.64 -16.51 -9.77
C GLN A 36 16.62 -15.36 -9.59
N ILE A 37 16.49 -14.54 -10.61
CA ILE A 37 15.48 -13.45 -10.63
C ILE A 37 14.16 -14.00 -11.14
N ASP A 38 13.11 -13.82 -10.34
CA ASP A 38 11.76 -14.32 -10.60
C ASP A 38 10.74 -13.20 -10.42
N VAL A 39 9.49 -13.48 -10.85
CA VAL A 39 8.36 -12.59 -10.70
C VAL A 39 7.76 -12.76 -9.32
N GLU A 40 7.43 -11.60 -8.70
CA GLU A 40 6.78 -11.53 -7.38
C GLU A 40 5.35 -11.02 -7.44
N VAL A 41 5.11 -9.94 -8.18
CA VAL A 41 3.82 -9.28 -8.26
C VAL A 41 3.61 -8.88 -9.74
N ILE A 42 2.40 -9.07 -10.25
CA ILE A 42 1.95 -8.58 -11.57
C ILE A 42 0.73 -7.67 -11.40
N GLY A 43 0.91 -6.38 -11.75
CA GLY A 43 -0.18 -5.41 -11.63
C GLY A 43 -1.09 -5.41 -12.86
N ASP A 44 -2.37 -5.57 -12.63
CA ASP A 44 -3.34 -5.51 -13.73
C ASP A 44 -3.28 -4.11 -14.45
N ARG A 45 -3.76 -4.10 -15.71
CA ARG A 45 -3.49 -3.00 -16.59
C ARG A 45 -4.03 -1.69 -16.02
N ASN A 46 -5.14 -1.75 -15.27
CA ASN A 46 -5.81 -0.55 -14.72
C ASN A 46 -5.12 -0.02 -13.47
N ALA A 47 -4.07 -0.68 -12.97
CA ALA A 47 -3.40 -0.25 -11.74
C ALA A 47 -2.73 1.12 -11.93
N GLU A 48 -2.58 1.87 -10.82
CA GLU A 48 -1.91 3.16 -10.81
C GLU A 48 -0.62 3.09 -10.01
N TYR A 49 0.11 4.21 -10.03
CA TYR A 49 1.50 4.18 -9.58
C TYR A 49 1.63 3.94 -8.07
N ASP A 50 0.75 4.52 -7.26
CA ASP A 50 0.84 4.33 -5.81
C ASP A 50 0.87 2.85 -5.46
N SER A 51 0.07 2.03 -6.15
CA SER A 51 0.06 0.61 -5.83
C SER A 51 1.40 -0.04 -6.12
N PHE A 52 2.03 0.39 -7.25
CA PHE A 52 3.37 -0.07 -7.61
C PHE A 52 4.37 0.23 -6.49
N LEU A 53 4.30 1.46 -5.95
CA LEU A 53 5.23 1.85 -4.89
C LEU A 53 4.98 1.04 -3.62
N GLU A 54 3.72 0.76 -3.28
CA GLU A 54 3.40 -0.03 -2.09
C GLU A 54 3.83 -1.50 -2.27
N ASP A 55 3.82 -1.97 -3.52
CA ASP A 55 4.22 -3.35 -3.79
C ASP A 55 5.74 -3.48 -3.78
N ILE A 56 6.47 -2.47 -4.26
CA ILE A 56 7.92 -2.65 -4.31
C ILE A 56 8.54 -2.64 -2.91
N GLN A 57 7.83 -2.11 -1.91
CA GLN A 57 8.30 -2.06 -0.53
C GLN A 57 7.72 -3.17 0.36
N LYS A 58 6.86 -4.03 -0.19
CA LYS A 58 6.07 -5.00 0.58
C LYS A 58 6.93 -6.08 1.26
N GLY A 59 8.18 -6.23 0.87
CA GLY A 59 9.09 -7.15 1.50
C GLY A 59 9.63 -6.65 2.82
N GLY A 60 9.43 -5.36 3.12
CA GLY A 60 9.88 -4.80 4.38
C GLY A 60 11.25 -4.16 4.25
N PRO A 61 11.70 -3.49 5.32
CA PRO A 61 12.94 -2.69 5.22
C PRO A 61 14.20 -3.50 5.01
N GLY A 62 14.19 -4.81 5.28
CA GLY A 62 15.35 -5.63 5.02
C GLY A 62 15.51 -6.14 3.59
N GLU A 63 14.58 -5.79 2.69
CA GLU A 63 14.55 -6.39 1.35
C GLU A 63 14.81 -5.38 0.25
N CYS A 64 15.20 -5.91 -0.91
CA CYS A 64 15.35 -5.17 -2.16
C CYS A 64 14.49 -5.85 -3.22
N ARG A 65 14.24 -5.08 -4.30
CA ARG A 65 13.37 -5.55 -5.37
C ARG A 65 13.76 -4.85 -6.69
N TYR A 66 13.22 -5.36 -7.78
CA TYR A 66 13.22 -4.66 -9.07
C TYR A 66 11.80 -4.39 -9.52
N GLY A 67 11.57 -3.32 -10.28
CA GLY A 67 10.22 -3.05 -10.74
C GLY A 67 10.17 -2.53 -12.15
N LEU A 68 9.13 -2.93 -12.91
CA LEU A 68 8.88 -2.48 -14.29
C LEU A 68 7.49 -1.83 -14.38
N PHE A 69 7.41 -0.62 -14.94
CA PHE A 69 6.15 0.10 -14.94
C PHE A 69 5.98 0.80 -16.27
N ASP A 70 4.78 0.73 -16.81
CA ASP A 70 4.45 1.37 -18.13
C ASP A 70 3.81 2.72 -17.76
N PHE A 71 4.63 3.73 -17.63
CA PHE A 71 4.24 5.02 -17.06
C PHE A 71 3.62 6.03 -18.06
N GLU A 72 2.46 6.55 -17.70
CA GLU A 72 1.72 7.46 -18.56
C GLU A 72 2.03 8.88 -18.17
N TYR A 73 2.25 9.74 -19.18
CA TYR A 73 2.50 11.15 -18.93
C TYR A 73 2.15 11.94 -20.18
N MET A 74 2.06 13.27 -19.99
CA MET A 74 1.69 14.19 -21.07
C MET A 74 2.92 14.73 -21.75
N HIS A 75 2.86 14.84 -23.10
CA HIS A 75 3.99 15.26 -23.92
C HIS A 75 3.51 16.15 -25.05
N GLN A 76 4.34 17.11 -25.46
CA GLN A 76 4.01 17.99 -26.58
C GLN A 76 5.23 18.14 -27.47
N CYS A 77 5.08 17.76 -28.73
CA CYS A 77 6.19 17.85 -29.69
C CYS A 77 6.32 19.30 -30.20
N GLN A 78 7.53 19.67 -30.61
CA GLN A 78 7.83 21.01 -31.05
C GLN A 78 6.97 21.39 -32.25
N GLY A 79 6.49 22.63 -32.24
CA GLY A 79 5.72 23.19 -33.34
C GLY A 79 4.27 22.80 -33.37
N THR A 80 3.84 21.87 -32.53
CA THR A 80 2.46 21.43 -32.49
C THR A 80 1.68 22.32 -31.54
N SER A 81 0.36 22.15 -31.58
CA SER A 81 -0.56 23.02 -30.84
C SER A 81 -1.36 22.25 -29.81
N GLU A 82 -0.86 21.11 -29.32
CA GLU A 82 -1.64 20.34 -28.39
C GLU A 82 -0.66 19.44 -27.65
N SER A 83 -1.07 19.02 -26.44
CA SER A 83 -0.35 18.09 -25.58
C SER A 83 -1.15 16.79 -25.47
N SER A 84 -0.49 15.66 -25.65
CA SER A 84 -1.18 14.39 -25.67
C SER A 84 -0.52 13.35 -24.73
N LYS A 85 -1.34 12.41 -24.28
CA LYS A 85 -0.85 11.37 -23.36
C LYS A 85 0.03 10.37 -24.10
N LYS A 86 1.11 9.94 -23.44
CA LYS A 86 2.11 9.02 -23.97
C LYS A 86 2.42 8.05 -22.83
N GLN A 87 3.14 7.00 -23.16
CA GLN A 87 3.51 5.99 -22.17
C GLN A 87 4.91 5.49 -22.49
N LYS A 88 5.69 5.18 -21.45
CA LYS A 88 7.07 4.72 -21.66
C LYS A 88 7.43 3.74 -20.55
N LEU A 89 8.06 2.63 -20.94
CA LEU A 89 8.47 1.65 -19.94
C LEU A 89 9.79 2.05 -19.30
N PHE A 90 9.89 1.85 -17.99
CA PHE A 90 11.14 2.05 -17.27
C PHE A 90 11.34 0.89 -16.30
N LEU A 91 12.59 0.59 -16.03
CA LEU A 91 13.01 -0.52 -15.16
C LEU A 91 13.78 0.09 -14.01
N MET A 92 13.38 -0.25 -12.77
CA MET A 92 13.99 0.30 -11.57
C MET A 92 14.52 -0.76 -10.60
N SER A 93 15.64 -0.45 -9.97
CA SER A 93 16.11 -1.17 -8.82
C SER A 93 15.80 -0.42 -7.52
N TRP A 94 15.35 -1.17 -6.50
CA TRP A 94 14.98 -0.58 -5.20
C TRP A 94 15.77 -1.26 -4.10
N CYS A 95 16.75 -0.54 -3.52
CA CYS A 95 17.57 -1.04 -2.42
C CYS A 95 17.63 -0.05 -1.25
N PRO A 96 16.70 -0.15 -0.29
CA PRO A 96 16.69 0.81 0.83
C PRO A 96 17.95 0.70 1.69
N ASP A 97 18.22 1.82 2.39
CA ASP A 97 19.41 1.91 3.23
C ASP A 97 19.41 0.90 4.36
N THR A 98 18.24 0.43 4.79
CA THR A 98 18.15 -0.49 5.91
C THR A 98 18.52 -1.89 5.52
N ALA A 99 18.52 -2.22 4.22
CA ALA A 99 18.86 -3.57 3.79
C ALA A 99 20.33 -3.88 4.09
N LYS A 100 20.63 -5.16 4.25
CA LYS A 100 22.00 -5.58 4.43
C LYS A 100 22.83 -5.32 3.17
N VAL A 101 24.04 -4.80 3.36
CA VAL A 101 24.99 -4.57 2.27
C VAL A 101 25.06 -5.78 1.34
N LYS A 102 25.19 -7.00 1.90
CA LYS A 102 25.26 -8.19 1.05
C LYS A 102 24.10 -8.25 0.07
N LYS A 103 22.88 -8.01 0.56
CA LYS A 103 21.72 -8.10 -0.29
C LYS A 103 21.74 -6.95 -1.28
N LYS A 104 22.08 -5.74 -0.81
CA LYS A 104 22.18 -4.58 -1.69
C LYS A 104 23.20 -4.82 -2.80
N MET A 105 24.36 -5.37 -2.48
CA MET A 105 25.37 -5.61 -3.51
C MET A 105 24.92 -6.64 -4.56
N LEU A 106 24.23 -7.68 -4.11
CA LEU A 106 23.76 -8.74 -5.00
C LEU A 106 22.75 -8.20 -5.99
N TYR A 107 21.80 -7.38 -5.49
CA TYR A 107 20.80 -6.77 -6.37
C TYR A 107 21.46 -5.82 -7.35
N SER A 108 22.46 -5.06 -6.90
CA SER A 108 23.24 -4.21 -7.80
C SER A 108 23.96 -5.03 -8.87
N SER A 109 24.73 -6.05 -8.48
CA SER A 109 25.53 -6.78 -9.45
C SER A 109 24.65 -7.54 -10.44
N SER A 110 23.50 -8.02 -10.01
CA SER A 110 22.63 -8.80 -10.88
C SER A 110 21.70 -7.95 -11.76
N PHE A 111 21.76 -6.63 -11.62
CA PHE A 111 20.81 -5.79 -12.36
C PHE A 111 21.04 -5.87 -13.83
N ASP A 112 22.31 -5.92 -14.25
CA ASP A 112 22.63 -5.99 -15.68
C ASP A 112 22.10 -7.27 -16.30
N ALA A 113 22.05 -8.38 -15.56
CA ALA A 113 21.50 -9.61 -16.12
C ALA A 113 20.02 -9.42 -16.47
N LEU A 114 19.30 -8.69 -15.62
CA LEU A 114 17.89 -8.44 -15.88
C LEU A 114 17.69 -7.49 -17.06
N LYS A 115 18.58 -6.53 -17.25
CA LYS A 115 18.42 -5.54 -18.33
C LYS A 115 18.70 -6.17 -19.70
N LYS A 116 19.69 -7.07 -19.77
CA LYS A 116 19.93 -7.81 -21.01
C LYS A 116 18.77 -8.73 -21.39
N SER A 117 17.99 -9.17 -20.41
CA SER A 117 16.84 -10.02 -20.70
C SER A 117 15.63 -9.24 -21.19
N LEU A 118 15.45 -7.98 -20.77
CA LEU A 118 14.26 -7.20 -21.13
C LEU A 118 14.58 -6.26 -22.30
N VAL A 119 14.75 -6.85 -23.48
CA VAL A 119 15.15 -6.10 -24.65
C VAL A 119 14.11 -5.04 -25.01
N GLY A 120 14.55 -3.79 -25.14
CA GLY A 120 13.68 -2.69 -25.55
C GLY A 120 13.53 -1.58 -24.52
N VAL A 121 13.71 -1.87 -23.24
CA VAL A 121 13.57 -0.83 -22.21
C VAL A 121 14.64 0.23 -22.42
N GLN A 122 14.23 1.48 -22.42
CA GLN A 122 15.14 2.57 -22.74
C GLN A 122 15.45 3.48 -21.55
N LYS A 123 14.86 3.23 -20.38
CA LYS A 123 15.01 4.12 -19.24
C LYS A 123 15.22 3.27 -18.01
N TYR A 124 16.31 3.50 -17.28
CA TYR A 124 16.63 2.78 -16.06
C TYR A 124 16.75 3.77 -14.89
N ILE A 125 16.30 3.35 -13.71
CA ILE A 125 16.39 4.15 -12.49
C ILE A 125 16.90 3.25 -11.37
N GLN A 126 17.88 3.74 -10.60
CA GLN A 126 18.37 3.09 -9.39
C GLN A 126 18.02 3.94 -8.17
N ALA A 127 17.02 3.51 -7.38
CA ALA A 127 16.55 4.20 -6.20
C ALA A 127 17.05 3.54 -4.92
N THR A 128 17.43 4.36 -3.94
CA THR A 128 17.70 3.91 -2.58
C THR A 128 16.74 4.57 -1.57
N ASP A 129 15.89 5.49 -2.01
CA ASP A 129 14.88 6.07 -1.15
C ASP A 129 13.71 6.54 -1.99
N LEU A 130 12.58 6.81 -1.32
CA LEU A 130 11.36 7.10 -2.08
C LEU A 130 11.43 8.41 -2.85
N SER A 131 12.36 9.30 -2.51
CA SER A 131 12.47 10.54 -3.27
C SER A 131 12.88 10.27 -4.71
N GLU A 132 13.66 9.19 -4.95
CA GLU A 132 14.14 8.87 -6.29
C GLU A 132 13.14 8.05 -7.09
N ALA A 133 12.06 7.59 -6.48
CA ALA A 133 11.04 6.78 -7.16
C ALA A 133 9.67 7.45 -7.22
N SER A 134 9.59 8.73 -6.90
CA SER A 134 8.33 9.45 -6.92
C SER A 134 7.87 9.73 -8.35
N ARG A 135 6.57 9.99 -8.51
CA ARG A 135 6.07 10.34 -9.82
C ARG A 135 6.83 11.51 -10.41
N GLU A 136 7.22 12.47 -9.56
CA GLU A 136 7.93 13.66 -10.04
C GLU A 136 9.32 13.29 -10.54
N ALA A 137 10.02 12.44 -9.80
CA ALA A 137 11.35 12.01 -10.25
C ALA A 137 11.26 11.20 -11.53
N VAL A 138 10.27 10.31 -11.62
CA VAL A 138 10.13 9.49 -12.82
C VAL A 138 9.73 10.33 -14.03
N GLU A 139 8.77 11.25 -13.85
CA GLU A 139 8.35 12.05 -15.00
C GLU A 139 9.51 12.89 -15.51
N GLU A 140 10.30 13.46 -14.62
CA GLU A 140 11.49 14.17 -15.07
C GLU A 140 12.49 13.24 -15.77
N LYS A 141 12.52 11.96 -15.39
CA LYS A 141 13.42 11.03 -16.07
C LYS A 141 12.91 10.70 -17.46
N LEU A 142 11.62 10.44 -17.61
CA LEU A 142 11.08 10.01 -18.87
C LEU A 142 10.99 11.15 -19.88
N ARG A 143 11.57 12.32 -19.59
CA ARG A 143 11.62 13.42 -20.53
C ARG A 143 13.09 13.71 -20.85
N GLY B 4 -23.59 9.95 -2.83
CA GLY B 4 -23.55 10.84 -1.68
C GLY B 4 -22.14 11.28 -1.34
N VAL B 5 -21.56 10.64 -0.36
CA VAL B 5 -20.24 10.98 0.15
C VAL B 5 -19.18 10.30 -0.71
N THR B 6 -18.12 11.03 -1.02
CA THR B 6 -16.98 10.48 -1.73
C THR B 6 -15.94 9.97 -0.72
N VAL B 7 -14.93 9.30 -1.23
CA VAL B 7 -13.81 8.77 -0.46
C VAL B 7 -12.53 9.30 -1.12
N SER B 8 -11.71 9.94 -0.29
CA SER B 8 -10.44 10.46 -0.79
C SER B 8 -9.48 9.33 -1.11
N ASP B 9 -8.70 9.48 -2.20
CA ASP B 9 -7.74 8.46 -2.57
C ASP B 9 -6.68 8.25 -1.48
N VAL B 10 -6.44 9.29 -0.67
CA VAL B 10 -5.43 9.22 0.38
C VAL B 10 -5.82 8.24 1.46
N CYS B 11 -7.12 7.92 1.60
CA CYS B 11 -7.56 6.91 2.54
C CYS B 11 -7.10 5.54 2.10
N LYS B 12 -7.14 5.27 0.78
CA LYS B 12 -6.73 3.98 0.23
C LYS B 12 -5.23 3.78 0.34
N THR B 13 -4.44 4.78 -0.02
CA THR B 13 -3.00 4.66 0.05
C THR B 13 -2.50 4.54 1.48
N THR B 14 -3.08 5.32 2.43
CA THR B 14 -2.67 5.15 3.82
C THR B 14 -2.97 3.74 4.35
N TYR B 15 -4.16 3.25 4.05
CA TYR B 15 -4.45 1.84 4.39
C TYR B 15 -3.45 0.84 3.80
N GLU B 16 -3.12 0.98 2.47
CA GLU B 16 -2.16 0.07 1.84
C GLU B 16 -0.76 0.22 2.44
N GLU B 17 -0.38 1.41 2.86
CA GLU B 17 0.93 1.58 3.51
C GLU B 17 1.01 0.82 4.84
N ILE B 18 -0.12 0.57 5.49
CA ILE B 18 -0.10 -0.31 6.66
C ILE B 18 -0.17 -1.78 6.24
N LYS B 19 -1.20 -2.12 5.42
CA LYS B 19 -1.43 -3.52 5.06
C LYS B 19 -0.19 -4.17 4.46
N LYS B 20 0.38 -3.54 3.41
CA LYS B 20 1.47 -4.10 2.64
C LYS B 20 2.83 -3.72 3.18
N ASP B 21 2.97 -2.52 3.69
CA ASP B 21 4.32 -2.08 4.05
C ASP B 21 4.55 -1.94 5.56
N LYS B 22 3.54 -2.12 6.38
CA LYS B 22 3.63 -2.03 7.86
C LYS B 22 4.22 -0.70 8.33
N LYS B 23 3.85 0.39 7.68
CA LYS B 23 4.45 1.69 8.01
C LYS B 23 3.76 2.39 9.18
N HIS B 24 2.51 2.06 9.45
CA HIS B 24 1.76 2.80 10.45
C HIS B 24 0.99 1.80 11.26
N ARG B 25 0.57 2.19 12.48
CA ARG B 25 -0.24 1.30 13.33
C ARG B 25 -1.74 1.54 13.13
N TYR B 26 -2.18 2.80 12.93
CA TYR B 26 -3.61 3.06 12.76
C TYR B 26 -3.85 4.32 11.96
N VAL B 27 -5.11 4.48 11.60
CA VAL B 27 -5.59 5.69 10.96
C VAL B 27 -6.97 6.04 11.50
N ILE B 28 -7.23 7.34 11.67
CA ILE B 28 -8.53 7.84 12.08
C ILE B 28 -9.06 8.64 10.91
N PHE B 29 -10.28 8.39 10.49
CA PHE B 29 -10.91 9.03 9.34
C PHE B 29 -12.09 9.87 9.85
N TYR B 30 -12.52 10.81 8.99
CA TYR B 30 -13.64 11.68 9.31
C TYR B 30 -14.35 12.12 8.03
N ILE B 31 -15.61 12.54 8.17
CA ILE B 31 -16.35 13.09 7.05
C ILE B 31 -16.14 14.60 6.99
N ARG B 32 -15.46 15.08 5.95
CA ARG B 32 -15.11 16.48 5.83
C ARG B 32 -16.26 17.23 5.21
N ASP B 33 -16.88 18.15 6.00
CA ASP B 33 -17.90 19.06 5.49
C ASP B 33 -19.06 18.31 4.86
N GLU B 34 -19.48 17.25 5.53
CA GLU B 34 -20.64 16.43 5.16
C GLU B 34 -20.55 15.82 3.77
N LYS B 35 -19.37 15.80 3.12
CA LYS B 35 -19.30 15.35 1.72
C LYS B 35 -18.14 14.41 1.35
N GLN B 36 -17.08 14.33 2.12
CA GLN B 36 -15.93 13.54 1.72
C GLN B 36 -15.27 12.91 2.92
N ILE B 37 -14.84 11.65 2.80
CA ILE B 37 -14.09 10.98 3.87
C ILE B 37 -12.61 11.27 3.64
N ASP B 38 -11.95 11.83 4.69
CA ASP B 38 -10.55 12.17 4.62
C ASP B 38 -9.81 11.65 5.86
N VAL B 39 -8.47 11.60 5.70
CA VAL B 39 -7.61 11.15 6.81
C VAL B 39 -7.44 12.30 7.79
N GLU B 40 -7.56 12.02 9.11
CA GLU B 40 -7.39 12.98 10.19
C GLU B 40 -6.12 12.75 10.99
N VAL B 41 -5.79 11.48 11.35
CA VAL B 41 -4.65 11.17 12.19
C VAL B 41 -3.99 9.92 11.64
N ILE B 42 -2.67 9.93 11.57
CA ILE B 42 -1.86 8.75 11.21
C ILE B 42 -0.99 8.43 12.43
N GLY B 43 -1.21 7.27 13.04
CA GLY B 43 -0.45 6.84 14.23
C GLY B 43 0.78 6.05 13.82
N ASP B 44 1.92 6.42 14.41
CA ASP B 44 3.18 5.72 14.15
C ASP B 44 3.07 4.22 14.44
N ARG B 45 3.99 3.45 13.85
CA ARG B 45 3.92 1.98 13.93
C ARG B 45 4.04 1.49 15.37
N ASN B 46 4.87 2.15 16.19
CA ASN B 46 5.06 1.78 17.62
C ASN B 46 3.90 2.20 18.54
N ALA B 47 2.89 2.91 18.05
CA ALA B 47 1.81 3.38 18.89
C ALA B 47 1.05 2.20 19.46
N GLU B 48 0.40 2.45 20.59
CA GLU B 48 -0.40 1.46 21.30
C GLU B 48 -1.87 1.84 21.26
N TYR B 49 -2.70 0.93 21.79
CA TYR B 49 -4.12 1.02 21.54
C TYR B 49 -4.74 2.19 22.31
N ASP B 50 -4.25 2.47 23.54
CA ASP B 50 -4.78 3.63 24.27
C ASP B 50 -4.72 4.89 23.43
N SER B 51 -3.65 5.06 22.64
CA SER B 51 -3.52 6.25 21.81
C SER B 51 -4.60 6.34 20.74
N PHE B 52 -4.90 5.19 20.10
CA PHE B 52 -6.00 5.12 19.13
C PHE B 52 -7.32 5.51 19.78
N LEU B 53 -7.61 5.00 21.00
CA LEU B 53 -8.88 5.35 21.66
C LEU B 53 -8.95 6.85 21.99
N GLU B 54 -7.82 7.42 22.37
CA GLU B 54 -7.81 8.84 22.68
C GLU B 54 -7.99 9.69 21.42
N ASP B 55 -7.53 9.19 20.28
CA ASP B 55 -7.62 9.94 19.04
C ASP B 55 -9.00 9.83 18.40
N ILE B 56 -9.63 8.64 18.48
CA ILE B 56 -10.92 8.50 17.80
C ILE B 56 -12.02 9.30 18.46
N GLN B 57 -11.84 9.70 19.74
CA GLN B 57 -12.81 10.53 20.48
C GLN B 57 -12.45 12.01 20.52
N LYS B 58 -11.37 12.40 19.84
CA LYS B 58 -10.83 13.75 20.01
C LYS B 58 -11.77 14.86 19.53
N GLY B 59 -12.78 14.54 18.70
CA GLY B 59 -13.79 15.52 18.35
C GLY B 59 -14.82 15.80 19.45
N GLY B 60 -14.92 14.98 20.49
CA GLY B 60 -15.83 15.16 21.58
C GLY B 60 -17.11 14.36 21.41
N PRO B 61 -17.97 14.41 22.43
CA PRO B 61 -19.18 13.58 22.41
C PRO B 61 -20.16 13.91 21.28
N GLY B 62 -20.04 15.06 20.64
CA GLY B 62 -20.87 15.39 19.48
C GLY B 62 -20.37 14.89 18.13
N GLU B 63 -19.22 14.23 18.09
CA GLU B 63 -18.61 13.83 16.84
C GLU B 63 -18.60 12.31 16.73
N CYS B 64 -18.46 11.84 15.49
CA CYS B 64 -18.27 10.48 15.07
C CYS B 64 -17.03 10.42 14.17
N ARG B 65 -16.45 9.21 14.10
CA ARG B 65 -15.24 8.95 13.34
C ARG B 65 -15.25 7.50 12.85
N TYR B 66 -14.32 7.22 11.94
CA TYR B 66 -13.94 5.85 11.58
C TYR B 66 -12.49 5.58 12.00
N GLY B 67 -12.18 4.30 12.34
CA GLY B 67 -10.80 4.00 12.69
C GLY B 67 -10.29 2.66 12.16
N LEU B 68 -9.02 2.59 11.76
CA LEU B 68 -8.34 1.39 11.29
C LEU B 68 -7.11 1.17 12.15
N PHE B 69 -6.95 -0.10 12.68
CA PHE B 69 -5.91 -0.44 13.64
C PHE B 69 -5.39 -1.82 13.34
N ASP B 70 -4.07 -2.00 13.39
CA ASP B 70 -3.39 -3.31 13.11
C ASP B 70 -3.14 -3.98 14.47
N PHE B 71 -4.09 -4.75 14.91
CA PHE B 71 -4.21 -5.14 16.32
C PHE B 71 -3.44 -6.43 16.59
N GLU B 72 -2.59 -6.44 17.64
CA GLU B 72 -1.72 -7.56 18.02
C GLU B 72 -2.35 -8.39 19.10
N TYR B 73 -2.23 -9.72 18.98
CA TYR B 73 -2.72 -10.60 20.04
C TYR B 73 -2.02 -11.95 19.93
N MET B 74 -2.13 -12.73 21.00
CA MET B 74 -1.51 -14.06 21.04
C MET B 74 -2.52 -15.12 20.62
N HIS B 75 -2.04 -16.11 19.86
CA HIS B 75 -2.91 -17.11 19.27
C HIS B 75 -2.19 -18.46 19.32
N GLN B 76 -2.96 -19.53 19.46
CA GLN B 76 -2.45 -20.90 19.44
C GLN B 76 -3.28 -21.75 18.51
N CYS B 77 -2.65 -22.31 17.48
CA CYS B 77 -3.38 -23.06 16.48
C CYS B 77 -3.69 -24.45 16.98
N GLN B 78 -4.80 -25.00 16.50
CA GLN B 78 -5.22 -26.30 17.00
C GLN B 78 -4.12 -27.35 16.80
N GLY B 79 -3.90 -28.15 17.84
CA GLY B 79 -2.93 -29.22 17.80
C GLY B 79 -1.50 -28.81 18.05
N THR B 80 -1.19 -27.51 18.09
CA THR B 80 0.19 -27.09 18.28
C THR B 80 0.49 -27.00 19.77
N SER B 81 1.79 -26.83 20.11
CA SER B 81 2.29 -26.87 21.47
C SER B 81 2.82 -25.48 21.92
N GLU B 82 2.33 -24.41 21.28
CA GLU B 82 2.85 -23.05 21.49
C GLU B 82 1.80 -22.01 21.11
N SER B 83 1.87 -20.84 21.76
CA SER B 83 1.03 -19.67 21.49
C SER B 83 1.95 -18.57 20.97
N SER B 84 1.53 -17.89 19.86
CA SER B 84 2.41 -16.94 19.20
C SER B 84 1.64 -15.67 18.85
N LYS B 85 2.36 -14.58 18.82
CA LYS B 85 1.70 -13.28 18.62
C LYS B 85 1.34 -13.07 17.14
N LYS B 86 0.18 -12.46 16.91
CA LYS B 86 -0.39 -12.33 15.58
C LYS B 86 -0.92 -10.90 15.44
N GLN B 87 -1.26 -10.50 14.22
CA GLN B 87 -1.80 -9.16 13.98
C GLN B 87 -2.87 -9.22 12.91
N LYS B 88 -3.91 -8.38 13.08
CA LYS B 88 -5.01 -8.33 12.12
C LYS B 88 -5.59 -6.91 12.08
N LEU B 89 -5.87 -6.44 10.85
CA LEU B 89 -6.50 -5.16 10.70
C LEU B 89 -8.01 -5.23 10.97
N PHE B 90 -8.58 -4.17 11.57
CA PHE B 90 -10.02 -4.12 11.70
C PHE B 90 -10.40 -2.65 11.44
N LEU B 91 -11.61 -2.45 10.95
CA LEU B 91 -12.13 -1.11 10.61
C LEU B 91 -13.36 -0.89 11.46
N MET B 92 -13.37 0.20 12.23
CA MET B 92 -14.41 0.48 13.20
C MET B 92 -15.05 1.83 12.90
N SER B 93 -16.37 1.88 13.05
CA SER B 93 -17.13 3.13 13.09
C SER B 93 -17.42 3.49 14.55
N TRP B 94 -17.25 4.77 14.86
CA TRP B 94 -17.46 5.25 16.23
C TRP B 94 -18.53 6.34 16.20
N CYS B 95 -19.75 6.00 16.67
CA CYS B 95 -20.91 6.90 16.65
C CYS B 95 -21.52 6.81 18.05
N PRO B 96 -21.03 7.61 19.00
CA PRO B 96 -21.47 7.43 20.38
C PRO B 96 -22.93 7.78 20.51
N ASP B 97 -23.56 7.24 21.55
CA ASP B 97 -24.97 7.50 21.75
C ASP B 97 -25.26 8.98 21.92
N THR B 98 -24.26 9.77 22.31
CA THR B 98 -24.43 11.19 22.58
C THR B 98 -24.45 12.04 21.31
N ALA B 99 -23.95 11.51 20.20
CA ALA B 99 -23.90 12.29 18.97
C ALA B 99 -25.31 12.61 18.46
N LYS B 100 -25.40 13.70 17.70
CA LYS B 100 -26.67 14.05 17.07
C LYS B 100 -27.08 13.00 16.03
N VAL B 101 -28.37 12.64 16.06
CA VAL B 101 -28.90 11.64 15.15
C VAL B 101 -28.47 11.94 13.71
N LYS B 102 -28.62 13.19 13.27
CA LYS B 102 -28.31 13.52 11.88
C LYS B 102 -26.90 13.10 11.50
N LYS B 103 -25.92 13.34 12.38
CA LYS B 103 -24.55 12.94 12.10
C LYS B 103 -24.42 11.43 12.07
N LYS B 104 -25.01 10.73 13.07
CA LYS B 104 -24.92 9.27 13.08
C LYS B 104 -25.51 8.67 11.82
N MET B 105 -26.60 9.26 11.32
CA MET B 105 -27.16 8.76 10.07
C MET B 105 -26.17 8.92 8.92
N LEU B 106 -25.44 10.05 8.89
CA LEU B 106 -24.47 10.25 7.84
C LEU B 106 -23.32 9.24 7.93
N TYR B 107 -22.75 9.07 9.13
CA TYR B 107 -21.64 8.12 9.26
C TYR B 107 -22.09 6.71 9.00
N SER B 108 -23.26 6.34 9.50
CA SER B 108 -23.81 5.01 9.25
C SER B 108 -24.01 4.76 7.77
N SER B 109 -24.65 5.71 7.08
CA SER B 109 -24.97 5.55 5.66
C SER B 109 -23.72 5.54 4.79
N SER B 110 -22.70 6.32 5.17
CA SER B 110 -21.49 6.42 4.37
C SER B 110 -20.46 5.34 4.71
N PHE B 111 -20.74 4.44 5.65
CA PHE B 111 -19.74 3.43 6.05
C PHE B 111 -19.43 2.45 4.92
N ASP B 112 -20.44 2.07 4.13
CA ASP B 112 -20.22 1.12 3.04
C ASP B 112 -19.21 1.65 2.01
N ALA B 113 -19.17 2.93 1.76
CA ALA B 113 -18.21 3.44 0.78
C ALA B 113 -16.78 3.25 1.26
N LEU B 114 -16.52 3.45 2.53
CA LEU B 114 -15.17 3.26 3.05
C LEU B 114 -14.76 1.79 3.04
N LYS B 115 -15.73 0.89 3.22
CA LYS B 115 -15.43 -0.54 3.21
C LYS B 115 -15.10 -1.03 1.82
N LYS B 116 -15.80 -0.51 0.80
CA LYS B 116 -15.52 -0.88 -0.57
C LYS B 116 -14.15 -0.39 -1.00
N SER B 117 -13.67 0.71 -0.42
CA SER B 117 -12.37 1.25 -0.83
C SER B 117 -11.21 0.55 -0.19
N LEU B 118 -11.37 0.04 1.04
CA LEU B 118 -10.29 -0.65 1.75
C LEU B 118 -10.43 -2.17 1.57
N VAL B 119 -10.19 -2.58 0.33
CA VAL B 119 -10.36 -3.99 -0.03
C VAL B 119 -9.39 -4.82 0.78
N GLY B 120 -9.93 -5.85 1.46
CA GLY B 120 -9.11 -6.85 2.14
C GLY B 120 -9.40 -6.94 3.63
N VAL B 121 -9.91 -5.86 4.23
CA VAL B 121 -10.25 -5.91 5.65
C VAL B 121 -11.34 -6.96 5.84
N GLN B 122 -11.18 -7.85 6.82
CA GLN B 122 -12.11 -8.94 7.01
C GLN B 122 -12.89 -8.84 8.32
N LYS B 123 -12.66 -7.81 9.13
CA LYS B 123 -13.31 -7.68 10.43
C LYS B 123 -13.75 -6.25 10.59
N TYR B 124 -15.03 -6.07 10.81
CA TYR B 124 -15.65 -4.76 10.97
C TYR B 124 -16.36 -4.66 12.32
N ILE B 125 -16.31 -3.48 12.95
CA ILE B 125 -16.89 -3.28 14.26
C ILE B 125 -17.65 -1.97 14.24
N GLN B 126 -18.86 -1.94 14.76
CA GLN B 126 -19.65 -0.70 14.92
C GLN B 126 -19.82 -0.43 16.43
N ALA B 127 -19.12 0.59 16.91
CA ALA B 127 -19.09 0.93 18.32
C ALA B 127 -20.05 2.07 18.62
N THR B 128 -20.79 1.92 19.73
CA THR B 128 -21.59 2.98 20.31
C THR B 128 -21.18 3.38 21.72
N ASP B 129 -20.28 2.65 22.35
CA ASP B 129 -19.78 2.99 23.68
C ASP B 129 -18.41 2.33 23.83
N LEU B 130 -17.67 2.76 24.87
CA LEU B 130 -16.32 2.24 25.06
C LEU B 130 -16.32 0.76 25.40
N SER B 131 -17.45 0.22 25.86
CA SER B 131 -17.51 -1.21 26.10
C SER B 131 -17.32 -1.97 24.81
N GLU B 132 -17.82 -1.47 23.69
CA GLU B 132 -17.71 -2.17 22.41
C GLU B 132 -16.42 -1.82 21.67
N ALA B 133 -15.65 -0.86 22.15
CA ALA B 133 -14.39 -0.46 21.56
C ALA B 133 -13.20 -0.74 22.48
N SER B 134 -13.41 -1.44 23.60
CA SER B 134 -12.32 -1.67 24.52
C SER B 134 -11.35 -2.68 23.90
N ARG B 135 -10.08 -2.63 24.35
CA ARG B 135 -9.10 -3.60 23.87
C ARG B 135 -9.59 -5.01 24.12
N GLU B 136 -10.26 -5.25 25.26
CA GLU B 136 -10.75 -6.60 25.55
C GLU B 136 -11.89 -7.00 24.60
N ALA B 137 -12.79 -6.06 24.33
CA ALA B 137 -13.88 -6.34 23.39
C ALA B 137 -13.35 -6.65 22.00
N VAL B 138 -12.33 -5.91 21.54
CA VAL B 138 -11.81 -6.11 20.20
C VAL B 138 -11.13 -7.46 20.12
N GLU B 139 -10.33 -7.81 21.14
CA GLU B 139 -9.66 -9.09 21.15
C GLU B 139 -10.65 -10.24 21.19
N GLU B 140 -11.73 -10.08 21.95
CA GLU B 140 -12.77 -11.11 22.03
C GLU B 140 -13.35 -11.44 20.66
N LYS B 141 -13.42 -10.47 19.77
CA LYS B 141 -13.99 -10.72 18.45
C LYS B 141 -12.99 -11.42 17.53
N LEU B 142 -11.72 -11.05 17.59
CA LEU B 142 -10.73 -11.52 16.64
C LEU B 142 -10.38 -12.99 16.87
N ARG B 143 -11.34 -13.78 17.30
CA ARG B 143 -11.10 -15.19 17.58
C ARG B 143 -11.93 -16.05 16.63
S SO4 C . 11.63 -18.25 -0.08
O1 SO4 C . 10.51 -18.28 0.82
O2 SO4 C . 11.89 -16.85 -0.48
O3 SO4 C . 12.80 -18.95 0.47
O4 SO4 C . 11.20 -18.90 -1.32
S SO4 D . 25.52 -4.50 7.65
O1 SO4 D . 25.20 -3.21 8.24
O2 SO4 D . 26.86 -4.47 7.10
O3 SO4 D . 25.44 -5.53 8.68
O4 SO4 D . 24.54 -4.79 6.61
C1 GOL E . 12.68 -11.57 -27.31
O1 GOL E . 11.53 -11.54 -28.12
C2 GOL E . 12.46 -12.70 -26.31
O2 GOL E . 13.59 -13.54 -26.21
C3 GOL E . 12.14 -12.00 -24.98
O3 GOL E . 13.39 -11.66 -24.38
H11 GOL E . 13.50 -11.73 -27.82
H12 GOL E . 12.82 -10.73 -26.84
HO1 GOL E . 11.64 -10.89 -28.67
H2 GOL E . 11.72 -13.27 -26.59
HO2 GOL E . 14.12 -13.20 -25.65
H31 GOL E . 11.58 -11.23 -25.15
H32 GOL E . 11.61 -12.60 -24.43
HO3 GOL E . 13.21 -11.28 -23.65
C1 GOL F . 0.99 7.66 -13.75
O1 GOL F . 0.66 8.80 -14.61
C2 GOL F . 0.16 6.45 -14.22
O2 GOL F . 0.86 5.70 -15.28
C3 GOL F . -0.06 5.59 -13.05
O3 GOL F . -0.64 6.33 -11.93
H11 GOL F . 0.79 7.84 -12.82
H12 GOL F . 1.93 7.44 -13.80
HO1 GOL F . 0.83 8.53 -15.41
H2 GOL F . -0.69 6.78 -14.56
HO2 GOL F . 0.30 5.17 -15.60
H31 GOL F . -0.63 4.86 -13.34
H32 GOL F . 0.79 5.18 -12.82
HO3 GOL F . -1.46 6.50 -12.19
S SO4 G . -13.93 21.85 8.67
O1 SO4 G . -12.72 22.59 9.10
O2 SO4 G . -13.52 20.49 8.33
O3 SO4 G . -14.81 21.77 9.80
O4 SO4 G . -14.62 22.52 7.58
#